data_2WWS
#
_entry.id   2WWS
#
_cell.length_a   325.760
_cell.length_b   325.760
_cell.length_c   738.940
_cell.angle_alpha   90.00
_cell.angle_beta   90.00
_cell.angle_gamma   120.00
#
_symmetry.space_group_name_H-M   'H 3'
#
_entity_poly.entity_id   1
_entity_poly.type   'polypeptide(L)'
_entity_poly.pdbx_seq_one_letter_code
;MDSSEVVKVKQASIPAPGSILSQPNTEQSPAIVLPFQFEATTFGTAETAAQVSLQTADPITKLTAPYRHAQIVECKAILT
PTDLAVSNPLTVYLAWVPANSPATPTQILRVYGGQSFVLGGAISAAKTIEVPLNLDSVNRMLKDSVTYTDTPKLLAYSRA
PTNPSKIPTASIQISGRIRLSKPMLIAN
;
_entity_poly.pdbx_strand_id   A,B,C
#
# COMPACT_ATOMS: atom_id res chain seq x y z
N GLN A 28 7.65 9.03 -18.95
CA GLN A 28 8.40 9.47 -20.18
C GLN A 28 8.60 8.31 -21.16
N SER A 29 7.51 7.69 -21.58
CA SER A 29 7.54 6.56 -22.51
C SER A 29 6.40 6.77 -23.52
N PRO A 30 6.17 5.81 -24.42
CA PRO A 30 5.07 6.07 -25.35
C PRO A 30 3.78 6.18 -24.52
N ALA A 31 3.14 7.34 -24.57
CA ALA A 31 1.91 7.59 -23.83
C ALA A 31 0.90 8.28 -24.72
N ILE A 32 -0.38 8.08 -24.43
CA ILE A 32 -1.43 8.68 -25.22
C ILE A 32 -2.43 9.31 -24.27
N VAL A 33 -2.92 10.49 -24.60
CA VAL A 33 -3.87 11.19 -23.77
C VAL A 33 -5.27 11.19 -24.36
N LEU A 34 -6.24 10.65 -23.64
CA LEU A 34 -7.59 10.67 -24.16
C LEU A 34 -8.58 11.16 -23.11
N PRO A 35 -9.71 11.76 -23.54
CA PRO A 35 -10.75 12.29 -22.68
C PRO A 35 -11.76 11.30 -22.19
N PHE A 36 -12.48 11.73 -21.16
CA PHE A 36 -13.50 10.92 -20.53
C PHE A 36 -14.48 11.88 -19.90
N GLN A 37 -15.70 11.42 -19.70
CA GLN A 37 -16.73 12.23 -19.06
C GLN A 37 -17.86 11.30 -18.71
N PHE A 38 -18.22 11.25 -17.43
CA PHE A 38 -19.30 10.40 -16.99
C PHE A 38 -20.05 11.15 -15.91
N GLU A 39 -21.31 10.80 -15.65
CA GLU A 39 -22.03 11.51 -14.61
C GLU A 39 -21.87 10.76 -13.31
N ALA A 40 -21.54 11.49 -12.25
CA ALA A 40 -21.29 10.88 -10.95
C ALA A 40 -22.46 10.87 -9.98
N THR A 41 -23.19 11.97 -9.87
CA THR A 41 -24.30 12.01 -8.93
C THR A 41 -25.56 12.63 -9.47
N THR A 42 -26.65 12.42 -8.76
CA THR A 42 -27.93 12.94 -9.17
C THR A 42 -28.69 13.48 -7.96
N PHE A 43 -29.32 14.64 -8.12
CA PHE A 43 -30.05 15.25 -6.99
C PHE A 43 -31.56 15.40 -7.17
N GLY A 44 -32.25 15.57 -6.03
CA GLY A 44 -33.69 15.75 -6.04
C GLY A 44 -34.49 14.53 -5.60
N THR A 45 -33.94 13.35 -5.86
CA THR A 45 -34.61 12.12 -5.49
C THR A 45 -34.68 11.95 -3.98
N ALA A 46 -33.70 12.53 -3.27
CA ALA A 46 -33.66 12.44 -1.82
C ALA A 46 -32.41 13.15 -1.33
N GLU A 47 -32.23 13.26 -0.02
CA GLU A 47 -31.04 13.91 0.49
C GLU A 47 -29.86 13.17 -0.08
N THR A 48 -29.05 13.85 -0.88
CA THR A 48 -27.89 13.21 -1.47
C THR A 48 -26.62 13.77 -0.88
N ALA A 49 -25.78 12.88 -0.39
CA ALA A 49 -24.51 13.27 0.21
C ALA A 49 -23.53 12.22 -0.20
N ALA A 50 -23.25 12.20 -1.49
CA ALA A 50 -22.32 11.23 -2.01
C ALA A 50 -20.94 11.81 -2.13
N GLN A 51 -19.97 10.91 -2.25
CA GLN A 51 -18.59 11.27 -2.40
C GLN A 51 -17.95 10.28 -3.37
N VAL A 52 -17.67 10.75 -4.59
CA VAL A 52 -17.07 9.91 -5.64
C VAL A 52 -15.56 9.95 -5.64
N SER A 53 -14.94 8.80 -5.88
CA SER A 53 -13.50 8.74 -5.95
C SER A 53 -13.13 8.42 -7.38
N LEU A 54 -12.30 9.25 -8.01
CA LEU A 54 -11.95 8.98 -9.39
C LEU A 54 -11.25 7.64 -9.54
N GLN A 55 -10.43 7.31 -8.54
CA GLN A 55 -9.67 6.07 -8.56
C GLN A 55 -10.46 4.78 -8.69
N THR A 56 -11.75 4.81 -8.37
CA THR A 56 -12.55 3.60 -8.45
C THR A 56 -13.76 3.69 -9.36
N ALA A 57 -14.14 4.90 -9.72
CA ALA A 57 -15.29 5.12 -10.59
C ALA A 57 -15.17 4.23 -11.83
N ASP A 58 -16.19 3.41 -12.06
CA ASP A 58 -16.18 2.49 -13.20
C ASP A 58 -15.78 3.04 -14.55
N PRO A 59 -16.42 4.11 -15.01
CA PRO A 59 -16.06 4.66 -16.31
C PRO A 59 -14.56 4.83 -16.44
N ILE A 60 -13.94 5.48 -15.46
CA ILE A 60 -12.51 5.70 -15.47
C ILE A 60 -11.77 4.39 -15.44
N THR A 61 -12.47 3.36 -14.98
CA THR A 61 -11.88 2.04 -14.91
C THR A 61 -11.81 1.46 -16.29
N LYS A 62 -12.97 1.13 -16.85
CA LYS A 62 -13.06 0.54 -18.19
C LYS A 62 -12.17 1.33 -19.13
N LEU A 63 -11.86 2.56 -18.75
CA LEU A 63 -11.02 3.41 -19.57
C LEU A 63 -9.55 3.06 -19.44
N THR A 64 -9.09 2.92 -18.21
CA THR A 64 -7.68 2.63 -17.95
C THR A 64 -7.30 1.17 -17.83
N ALA A 65 -8.27 0.26 -17.93
CA ALA A 65 -7.99 -1.15 -17.80
C ALA A 65 -6.85 -1.72 -18.66
N PRO A 66 -6.73 -1.29 -19.94
CA PRO A 66 -5.71 -1.74 -20.88
C PRO A 66 -4.32 -1.22 -20.63
N TYR A 67 -4.20 -0.29 -19.71
CA TYR A 67 -2.92 0.29 -19.39
C TYR A 67 -2.61 0.07 -17.92
N ARG A 68 -1.34 0.17 -17.58
CA ARG A 68 -0.91 -0.01 -16.21
C ARG A 68 -0.41 1.30 -15.59
N HIS A 69 -0.63 2.40 -16.29
CA HIS A 69 -0.22 3.69 -15.78
C HIS A 69 -1.14 4.80 -16.23
N ALA A 70 -1.93 5.32 -15.29
CA ALA A 70 -2.87 6.39 -15.58
C ALA A 70 -2.51 7.63 -14.78
N GLN A 71 -2.58 8.78 -15.45
CA GLN A 71 -2.30 10.05 -14.82
C GLN A 71 -3.25 11.10 -15.35
N ILE A 72 -3.90 11.82 -14.44
CA ILE A 72 -4.85 12.85 -14.83
C ILE A 72 -4.09 14.04 -15.35
N VAL A 73 -4.59 14.60 -16.45
CA VAL A 73 -3.96 15.75 -17.03
C VAL A 73 -4.84 16.94 -16.77
N GLU A 74 -6.14 16.73 -16.86
CA GLU A 74 -7.10 17.80 -16.64
C GLU A 74 -8.37 17.19 -16.05
N CYS A 75 -9.06 17.92 -15.18
CA CYS A 75 -10.27 17.38 -14.60
C CYS A 75 -11.21 18.43 -14.02
N LYS A 76 -12.50 18.34 -14.38
CA LYS A 76 -13.52 19.28 -13.90
C LYS A 76 -14.70 18.53 -13.32
N ALA A 77 -15.66 19.28 -12.80
CA ALA A 77 -16.89 18.73 -12.25
C ALA A 77 -17.94 19.73 -12.66
N ILE A 78 -18.73 19.39 -13.68
CA ILE A 78 -19.76 20.31 -14.15
C ILE A 78 -21.09 19.98 -13.48
N LEU A 79 -21.79 21.01 -13.04
CA LEU A 79 -23.06 20.88 -12.36
C LEU A 79 -24.14 21.29 -13.35
N THR A 80 -25.05 20.39 -13.67
CA THR A 80 -26.10 20.67 -14.65
C THR A 80 -27.53 20.44 -14.13
N PRO A 81 -28.32 21.52 -13.97
CA PRO A 81 -29.70 21.45 -13.48
C PRO A 81 -30.67 21.28 -14.63
N THR A 82 -31.91 20.89 -14.33
CA THR A 82 -32.90 20.69 -15.39
C THR A 82 -34.09 21.60 -15.23
N ASP A 83 -34.97 21.60 -16.23
CA ASP A 83 -36.16 22.43 -16.18
C ASP A 83 -36.92 22.25 -14.88
N LEU A 84 -36.85 21.04 -14.32
CA LEU A 84 -37.54 20.73 -13.08
C LEU A 84 -37.04 21.59 -11.95
N ALA A 85 -35.83 22.11 -12.08
CA ALA A 85 -35.27 22.94 -11.03
C ALA A 85 -36.04 24.21 -10.80
N VAL A 86 -36.55 24.82 -11.86
CA VAL A 86 -37.30 26.06 -11.73
C VAL A 86 -38.54 25.93 -10.84
N SER A 87 -39.05 24.70 -10.73
CA SER A 87 -40.23 24.40 -9.92
C SER A 87 -39.87 24.00 -8.50
N ASN A 88 -38.78 23.24 -8.36
CA ASN A 88 -38.34 22.79 -7.05
C ASN A 88 -36.87 23.14 -6.83
N PRO A 89 -36.55 24.42 -6.59
CA PRO A 89 -35.16 24.83 -6.38
C PRO A 89 -34.47 23.97 -5.32
N LEU A 90 -33.15 23.84 -5.47
CA LEU A 90 -32.31 23.07 -4.56
C LEU A 90 -30.96 23.77 -4.55
N THR A 91 -30.14 23.45 -3.55
CA THR A 91 -28.81 24.01 -3.46
C THR A 91 -27.89 22.80 -3.45
N VAL A 92 -26.80 22.87 -4.21
CA VAL A 92 -25.86 21.77 -4.27
C VAL A 92 -24.50 22.23 -3.78
N TYR A 93 -23.78 21.35 -3.09
CA TYR A 93 -22.44 21.67 -2.58
C TYR A 93 -21.35 20.79 -3.18
N LEU A 94 -20.35 21.42 -3.77
CA LEU A 94 -19.24 20.70 -4.38
C LEU A 94 -17.97 21.02 -3.65
N ALA A 95 -16.96 20.17 -3.83
CA ALA A 95 -15.65 20.35 -3.22
C ALA A 95 -14.74 19.19 -3.60
N TRP A 96 -13.50 19.49 -3.99
CA TRP A 96 -12.57 18.42 -4.35
C TRP A 96 -11.61 18.12 -3.19
N VAL A 97 -11.42 16.84 -2.91
CA VAL A 97 -10.58 16.47 -1.81
C VAL A 97 -9.67 15.27 -2.09
N PRO A 98 -8.52 15.21 -1.40
CA PRO A 98 -7.51 14.16 -1.51
C PRO A 98 -7.96 12.74 -1.25
N ALA A 99 -9.16 12.53 -0.73
CA ALA A 99 -9.65 11.18 -0.44
C ALA A 99 -9.01 10.63 0.81
N ASN A 100 -8.15 11.44 1.43
CA ASN A 100 -7.52 11.06 2.67
C ASN A 100 -8.19 11.97 3.65
N SER A 101 -8.58 13.12 3.12
CA SER A 101 -9.20 14.12 3.94
C SER A 101 -10.42 13.66 4.72
N PRO A 102 -10.43 13.95 6.02
CA PRO A 102 -11.49 13.60 6.96
C PRO A 102 -12.75 14.44 6.69
N ALA A 103 -12.67 15.26 5.64
CA ALA A 103 -13.77 16.11 5.25
C ALA A 103 -14.90 15.25 4.69
N THR A 104 -16.10 15.48 5.21
CA THR A 104 -17.27 14.74 4.78
C THR A 104 -18.21 15.65 4.02
N PRO A 105 -19.19 15.08 3.33
CA PRO A 105 -20.18 15.83 2.55
C PRO A 105 -20.86 16.99 3.23
N THR A 106 -21.08 16.91 4.53
CA THR A 106 -21.76 18.00 5.23
C THR A 106 -20.86 19.19 5.53
N GLN A 107 -19.55 19.00 5.39
CA GLN A 107 -18.59 20.05 5.70
C GLN A 107 -18.03 20.75 4.45
N ILE A 108 -18.63 20.49 3.30
CA ILE A 108 -18.15 21.09 2.06
C ILE A 108 -17.78 22.55 2.21
N LEU A 109 -18.63 23.32 2.88
CA LEU A 109 -18.36 24.74 3.05
C LEU A 109 -17.25 25.12 4.00
N ARG A 110 -16.76 24.15 4.76
CA ARG A 110 -15.68 24.45 5.68
C ARG A 110 -14.40 23.90 5.12
N VAL A 111 -14.45 23.49 3.87
CA VAL A 111 -13.30 22.94 3.20
C VAL A 111 -12.85 23.89 2.11
N TYR A 112 -11.60 24.32 2.16
CA TYR A 112 -11.12 25.25 1.17
C TYR A 112 -11.56 24.93 -0.25
N GLY A 113 -12.12 25.91 -0.93
CA GLY A 113 -12.55 25.71 -2.30
C GLY A 113 -13.80 24.88 -2.48
N GLY A 114 -14.67 24.95 -1.47
CA GLY A 114 -15.93 24.24 -1.54
C GLY A 114 -16.89 25.28 -2.02
N GLN A 115 -17.97 24.87 -2.69
CA GLN A 115 -18.90 25.88 -3.15
C GLN A 115 -20.37 25.56 -3.03
N SER A 116 -21.16 26.62 -3.04
CA SER A 116 -22.61 26.53 -2.95
C SER A 116 -23.26 27.16 -4.15
N PHE A 117 -24.13 26.40 -4.79
CA PHE A 117 -24.86 26.91 -5.95
C PHE A 117 -26.35 26.83 -5.71
N VAL A 118 -27.09 27.75 -6.31
CA VAL A 118 -28.52 27.72 -6.13
C VAL A 118 -29.20 27.44 -7.44
N LEU A 119 -29.37 26.16 -7.74
CA LEU A 119 -30.03 25.78 -8.97
C LEU A 119 -31.51 26.01 -8.79
N GLY A 120 -32.06 26.92 -9.59
CA GLY A 120 -33.48 27.23 -9.45
C GLY A 120 -33.85 28.42 -10.29
N GLY A 121 -34.76 28.22 -11.23
CA GLY A 121 -35.13 29.30 -12.13
C GLY A 121 -33.85 29.40 -12.92
N ALA A 122 -33.04 28.34 -12.77
CA ALA A 122 -31.72 28.15 -13.37
C ALA A 122 -31.41 29.09 -14.52
N ILE A 123 -32.16 28.97 -15.62
CA ILE A 123 -31.96 29.84 -16.79
C ILE A 123 -30.57 29.66 -17.43
N SER A 124 -29.61 29.24 -16.61
CA SER A 124 -28.21 29.06 -17.00
C SER A 124 -27.78 30.24 -17.86
N ALA A 125 -27.51 31.36 -17.18
CA ALA A 125 -27.09 32.60 -17.84
C ALA A 125 -25.80 32.34 -18.66
N ALA A 126 -25.95 31.87 -19.91
CA ALA A 126 -24.84 31.56 -20.84
C ALA A 126 -23.99 30.34 -20.41
N LYS A 127 -22.80 30.60 -19.87
CA LYS A 127 -21.86 29.57 -19.40
C LYS A 127 -22.43 28.69 -18.28
N THR A 128 -21.85 27.51 -18.13
CA THR A 128 -22.28 26.55 -17.12
C THR A 128 -21.49 26.57 -15.82
N ILE A 129 -22.01 25.88 -14.81
CA ILE A 129 -21.36 25.78 -13.50
C ILE A 129 -20.21 24.80 -13.70
N GLU A 130 -19.00 25.22 -13.34
CA GLU A 130 -17.82 24.38 -13.56
C GLU A 130 -16.88 24.50 -12.37
N VAL A 131 -16.58 23.37 -11.73
CA VAL A 131 -15.63 23.39 -10.61
C VAL A 131 -14.44 22.51 -11.00
N PRO A 132 -13.30 23.12 -11.33
CA PRO A 132 -12.08 22.43 -11.73
C PRO A 132 -11.30 21.92 -10.55
N LEU A 133 -10.69 20.75 -10.73
CA LEU A 133 -9.87 20.11 -9.71
C LEU A 133 -8.47 20.71 -9.72
N ASN A 134 -8.05 21.31 -8.61
CA ASN A 134 -6.71 21.87 -8.56
C ASN A 134 -5.74 20.70 -8.42
N LEU A 135 -4.91 20.46 -9.43
CA LEU A 135 -3.98 19.34 -9.38
C LEU A 135 -2.95 19.32 -8.25
N ASP A 136 -2.56 20.49 -7.78
CA ASP A 136 -1.58 20.54 -6.71
C ASP A 136 -2.20 20.04 -5.42
N SER A 137 -3.53 20.00 -5.39
CA SER A 137 -4.26 19.56 -4.20
C SER A 137 -4.19 18.09 -3.97
N VAL A 138 -4.18 17.32 -5.05
CA VAL A 138 -4.15 15.87 -4.98
C VAL A 138 -3.02 15.17 -5.72
N ASN A 139 -3.26 13.90 -6.04
CA ASN A 139 -2.29 13.07 -6.74
C ASN A 139 -2.80 12.70 -8.10
N ARG A 140 -2.05 13.12 -9.11
CA ARG A 140 -2.42 12.89 -10.50
C ARG A 140 -2.39 11.42 -10.93
N MET A 141 -1.87 10.54 -10.08
CA MET A 141 -1.76 9.12 -10.40
C MET A 141 -2.96 8.31 -9.99
N LEU A 142 -3.68 7.77 -10.97
CA LEU A 142 -4.85 6.98 -10.66
C LEU A 142 -4.50 5.50 -10.57
N LYS A 143 -3.72 5.01 -11.53
CA LYS A 143 -3.34 3.60 -11.55
C LYS A 143 -1.82 3.49 -11.71
N ASP A 144 -1.16 2.76 -10.82
CA ASP A 144 0.29 2.61 -10.94
C ASP A 144 0.73 1.26 -10.39
N SER A 145 1.96 1.22 -9.86
CA SER A 145 2.52 -0.01 -9.30
C SER A 145 2.24 -0.07 -7.81
N VAL A 146 1.94 1.08 -7.23
CA VAL A 146 1.60 1.19 -5.81
C VAL A 146 0.19 1.72 -5.85
N THR A 147 -0.53 1.73 -4.73
CA THR A 147 -1.88 2.27 -4.78
C THR A 147 -1.88 3.52 -3.94
N TYR A 148 -1.79 4.69 -4.57
CA TYR A 148 -1.72 5.94 -3.82
C TYR A 148 -2.96 6.21 -2.99
N THR A 149 -2.83 7.05 -1.97
CA THR A 149 -3.96 7.36 -1.11
C THR A 149 -4.62 8.66 -1.50
N ASP A 150 -3.81 9.70 -1.62
CA ASP A 150 -4.28 11.03 -1.93
C ASP A 150 -4.66 11.31 -3.37
N THR A 151 -5.71 10.65 -3.87
CA THR A 151 -6.17 10.87 -5.24
C THR A 151 -7.49 11.64 -5.19
N PRO A 152 -7.87 12.27 -6.30
CA PRO A 152 -9.11 13.04 -6.31
C PRO A 152 -10.35 12.27 -5.87
N LYS A 153 -11.17 12.96 -5.08
CA LYS A 153 -12.44 12.46 -4.55
C LYS A 153 -13.36 13.66 -4.52
N LEU A 154 -14.49 13.57 -5.22
CA LEU A 154 -15.45 14.65 -5.27
C LEU A 154 -16.46 14.58 -4.14
N LEU A 155 -16.62 15.67 -3.41
CA LEU A 155 -17.57 15.71 -2.31
C LEU A 155 -18.75 16.52 -2.78
N ALA A 156 -19.95 15.95 -2.70
CA ALA A 156 -21.16 16.64 -3.11
C ALA A 156 -22.26 16.39 -2.10
N TYR A 157 -23.02 17.43 -1.79
CA TYR A 157 -24.12 17.31 -0.84
C TYR A 157 -25.26 18.26 -1.19
N SER A 158 -26.44 17.97 -0.63
CA SER A 158 -27.65 18.79 -0.82
C SER A 158 -28.70 18.25 0.13
N ARG A 159 -29.30 19.11 0.94
CA ARG A 159 -30.31 18.67 1.91
C ARG A 159 -31.45 17.86 1.30
N ALA A 160 -32.11 17.07 2.14
CA ALA A 160 -33.24 16.28 1.66
C ALA A 160 -34.25 17.25 1.09
N PRO A 161 -34.61 17.08 -0.18
CA PRO A 161 -35.57 17.98 -0.82
C PRO A 161 -36.90 18.05 -0.09
N THR A 162 -37.53 19.22 -0.12
CA THR A 162 -38.83 19.45 0.51
C THR A 162 -39.86 18.40 0.07
N ASN A 163 -39.96 18.21 -1.24
CA ASN A 163 -40.86 17.23 -1.84
C ASN A 163 -40.07 16.60 -2.97
N PRO A 164 -39.67 15.35 -2.80
CA PRO A 164 -38.90 14.64 -3.82
C PRO A 164 -39.44 14.69 -5.23
N SER A 165 -38.86 13.83 -6.07
CA SER A 165 -39.23 13.71 -7.46
C SER A 165 -38.58 12.42 -7.90
N LYS A 166 -39.29 11.62 -8.69
CA LYS A 166 -38.73 10.36 -9.18
C LYS A 166 -37.73 10.65 -10.30
N ILE A 167 -37.75 11.88 -10.80
CA ILE A 167 -36.84 12.28 -11.85
C ILE A 167 -35.86 13.32 -11.33
N PRO A 168 -34.54 13.09 -11.53
CA PRO A 168 -33.46 13.98 -11.10
C PRO A 168 -33.64 15.45 -11.50
N THR A 169 -33.47 16.34 -10.54
CA THR A 169 -33.59 17.76 -10.79
C THR A 169 -32.30 18.36 -11.35
N ALA A 170 -31.18 17.74 -11.03
CA ALA A 170 -29.88 18.21 -11.50
C ALA A 170 -28.81 17.14 -11.29
N SER A 171 -27.74 17.20 -12.07
CA SER A 171 -26.63 16.22 -11.95
C SER A 171 -25.25 16.85 -12.07
N ILE A 172 -24.25 16.07 -11.64
CA ILE A 172 -22.85 16.49 -11.68
C ILE A 172 -22.05 15.50 -12.54
N GLN A 173 -21.34 15.99 -13.56
CA GLN A 173 -20.53 15.10 -14.40
C GLN A 173 -19.06 15.40 -14.19
N ILE A 174 -18.25 14.37 -14.25
CA ILE A 174 -16.80 14.53 -14.11
C ILE A 174 -16.23 14.37 -15.52
N SER A 175 -15.44 15.34 -15.96
CA SER A 175 -14.86 15.26 -17.30
C SER A 175 -13.43 15.68 -17.17
N GLY A 176 -12.65 15.41 -18.20
CA GLY A 176 -11.24 15.78 -18.18
C GLY A 176 -10.42 14.86 -19.07
N ARG A 177 -9.11 14.86 -18.88
CA ARG A 177 -8.25 14.05 -19.72
C ARG A 177 -7.20 13.23 -18.97
N ILE A 178 -7.07 11.96 -19.37
CA ILE A 178 -6.14 11.03 -18.76
C ILE A 178 -4.96 10.69 -19.68
N ARG A 179 -3.80 10.40 -19.09
CA ARG A 179 -2.61 10.04 -19.86
C ARG A 179 -2.25 8.59 -19.55
N LEU A 180 -2.33 7.73 -20.56
CA LEU A 180 -2.03 6.31 -20.38
C LEU A 180 -0.72 5.81 -20.94
N SER A 181 -0.19 4.75 -20.34
CA SER A 181 1.08 4.17 -20.77
C SER A 181 1.33 2.79 -20.17
N LYS A 182 2.38 2.11 -20.62
CA LYS A 182 2.69 0.78 -20.09
C LYS A 182 1.52 -0.19 -20.28
N PRO A 183 1.30 -0.64 -21.53
CA PRO A 183 0.25 -1.56 -21.96
C PRO A 183 0.08 -2.74 -21.03
N MET A 184 -1.15 -2.96 -20.59
CA MET A 184 -1.46 -4.07 -19.69
C MET A 184 -1.98 -5.25 -20.47
N LEU A 185 -1.60 -6.46 -20.06
CA LEU A 185 -2.09 -7.63 -20.76
C LEU A 185 -3.49 -7.89 -20.23
N ILE A 186 -4.44 -8.06 -21.15
CA ILE A 186 -5.85 -8.33 -20.81
C ILE A 186 -6.42 -9.35 -21.78
N ALA A 187 -7.67 -9.73 -21.57
CA ALA A 187 -8.31 -10.70 -22.46
C ALA A 187 -8.64 -9.95 -23.75
N ASN A 188 -8.01 -10.36 -24.86
CA ASN A 188 -8.18 -9.74 -26.19
C ASN A 188 -7.19 -8.57 -26.44
N SER B 4 25.03 14.56 33.46
CA SER B 4 24.92 14.19 34.91
C SER B 4 23.45 13.95 35.33
N GLU B 5 22.55 14.80 34.85
CA GLU B 5 21.12 14.68 35.16
C GLU B 5 20.35 14.02 34.00
N VAL B 6 21.03 13.84 32.87
CA VAL B 6 20.47 13.18 31.69
C VAL B 6 21.56 12.30 31.10
N VAL B 7 21.17 11.10 30.67
CA VAL B 7 22.12 10.16 30.10
C VAL B 7 21.56 9.54 28.83
N LYS B 8 22.31 9.60 27.73
CA LYS B 8 21.83 9.03 26.48
C LYS B 8 22.47 7.69 26.18
N VAL B 9 21.64 6.69 25.92
CA VAL B 9 22.10 5.35 25.59
C VAL B 9 21.53 4.90 24.25
N LYS B 10 22.40 4.79 23.25
CA LYS B 10 21.99 4.36 21.90
C LYS B 10 21.48 2.92 21.93
N GLN B 11 20.75 2.53 20.89
CA GLN B 11 20.22 1.17 20.80
C GLN B 11 21.15 0.27 19.94
N ALA B 12 20.57 -0.63 19.15
CA ALA B 12 21.37 -1.53 18.33
C ALA B 12 21.50 -1.10 16.86
N SER B 13 22.74 -1.10 16.39
CA SER B 13 23.08 -0.71 15.02
C SER B 13 22.79 -1.81 13.95
N ILE B 14 21.99 -1.43 12.95
CA ILE B 14 21.63 -2.35 11.88
C ILE B 14 20.85 -1.59 10.80
N PRO B 15 21.48 -1.29 9.66
CA PRO B 15 20.82 -0.57 8.58
C PRO B 15 19.63 -1.28 7.93
N ALA B 16 18.49 -0.59 7.94
CA ALA B 16 17.21 -1.06 7.39
C ALA B 16 16.37 0.13 6.93
N PRO B 17 16.96 1.04 6.14
CA PRO B 17 16.42 2.27 5.55
C PRO B 17 14.97 2.31 5.04
N GLY B 18 14.46 1.18 4.57
CA GLY B 18 13.10 1.16 4.06
C GLY B 18 13.05 1.59 2.60
N SER B 19 12.01 2.32 2.22
CA SER B 19 11.85 2.80 0.85
C SER B 19 11.05 4.07 0.93
N ILE B 20 11.19 4.93 -0.08
CA ILE B 20 10.49 6.21 -0.09
C ILE B 20 9.87 6.57 -1.44
N LEU B 21 9.25 7.75 -1.48
CA LEU B 21 8.63 8.25 -2.69
C LEU B 21 9.54 9.28 -3.32
N SER B 22 9.93 9.01 -4.55
CA SER B 22 10.81 9.88 -5.31
C SER B 22 9.99 11.01 -5.97
N GLN B 23 9.14 11.65 -5.16
CA GLN B 23 8.28 12.76 -5.61
C GLN B 23 9.03 14.11 -5.68
N PRO B 24 10.19 14.23 -5.01
CA PRO B 24 10.90 15.51 -5.08
C PRO B 24 11.85 15.54 -6.29
N ASN B 25 11.29 15.27 -7.46
CA ASN B 25 12.04 15.24 -8.73
C ASN B 25 12.58 16.62 -9.15
N THR B 26 11.67 17.51 -9.54
CA THR B 26 12.00 18.88 -9.96
C THR B 26 11.21 19.81 -9.05
N GLU B 27 10.83 19.28 -7.89
CA GLU B 27 10.04 20.04 -6.93
C GLU B 27 10.84 20.53 -5.72
N GLN B 28 10.39 21.66 -5.20
CA GLN B 28 11.01 22.32 -4.04
C GLN B 28 9.82 22.88 -3.23
N SER B 29 8.82 22.03 -2.98
CA SER B 29 7.63 22.43 -2.21
C SER B 29 8.01 22.83 -0.79
N PRO B 30 7.71 24.08 -0.40
CA PRO B 30 8.03 24.57 0.94
C PRO B 30 7.59 23.59 2.01
N ALA B 31 8.46 23.39 2.99
CA ALA B 31 8.19 22.48 4.08
C ALA B 31 8.47 23.24 5.35
N ILE B 32 7.96 22.76 6.47
CA ILE B 32 8.15 23.40 7.75
C ILE B 32 8.53 22.32 8.75
N VAL B 33 9.33 22.67 9.75
CA VAL B 33 9.76 21.73 10.78
C VAL B 33 9.13 22.04 12.14
N LEU B 34 8.39 21.08 12.67
CA LEU B 34 7.70 21.24 13.94
C LEU B 34 8.21 20.30 15.00
N PRO B 35 8.37 20.79 16.23
CA PRO B 35 8.85 19.93 17.31
C PRO B 35 7.63 19.35 17.97
N PHE B 36 7.79 18.21 18.63
CA PHE B 36 6.66 17.61 19.28
C PHE B 36 7.14 16.73 20.40
N GLN B 37 6.26 16.56 21.38
CA GLN B 37 6.56 15.73 22.55
C GLN B 37 5.28 15.37 23.30
N PHE B 38 5.01 14.07 23.45
CA PHE B 38 3.82 13.61 24.18
C PHE B 38 4.17 12.50 25.18
N GLU B 39 3.14 11.99 25.86
CA GLU B 39 3.32 10.92 26.83
C GLU B 39 2.97 9.57 26.25
N ALA B 40 3.97 8.71 26.07
CA ALA B 40 3.71 7.40 25.50
C ALA B 40 2.97 6.50 26.46
N THR B 41 3.55 6.26 27.64
CA THR B 41 2.91 5.41 28.64
C THR B 41 3.30 5.80 30.05
N THR B 42 2.69 5.12 31.00
CA THR B 42 2.95 5.36 32.41
C THR B 42 3.21 4.03 33.09
N PHE B 43 4.06 4.03 34.10
CA PHE B 43 4.42 2.81 34.82
C PHE B 43 4.06 2.89 36.28
N GLY B 44 3.75 1.73 36.86
CA GLY B 44 3.43 1.70 38.29
C GLY B 44 2.00 1.42 38.66
N THR B 45 1.05 1.88 37.86
CA THR B 45 -0.34 1.63 38.18
C THR B 45 -0.61 0.13 38.14
N ALA B 46 -0.21 -0.51 37.04
CA ALA B 46 -0.40 -1.95 36.87
C ALA B 46 0.60 -2.47 35.83
N GLU B 47 0.49 -3.74 35.43
CA GLU B 47 1.40 -4.26 34.43
C GLU B 47 1.24 -3.43 33.16
N THR B 48 2.31 -2.79 32.73
CA THR B 48 2.28 -1.96 31.55
C THR B 48 3.08 -2.62 30.46
N ALA B 49 2.46 -2.75 29.29
CA ALA B 49 3.10 -3.38 28.16
C ALA B 49 2.50 -2.83 26.89
N ALA B 50 2.74 -1.56 26.64
CA ALA B 50 2.17 -0.93 25.45
C ALA B 50 3.14 -0.79 24.29
N GLN B 51 2.57 -0.77 23.10
CA GLN B 51 3.32 -0.60 21.87
C GLN B 51 2.79 0.62 21.13
N VAL B 52 3.54 1.70 21.25
CA VAL B 52 3.22 2.99 20.66
C VAL B 52 3.68 3.11 19.24
N SER B 53 2.76 3.08 18.29
CA SER B 53 3.18 3.26 16.89
C SER B 53 3.13 4.74 16.60
N LEU B 54 4.26 5.31 16.16
CA LEU B 54 4.33 6.73 15.88
C LEU B 54 3.37 7.18 14.79
N GLN B 55 3.16 6.32 13.81
CA GLN B 55 2.26 6.67 12.71
C GLN B 55 0.80 6.91 13.09
N THR B 56 0.35 6.31 14.19
CA THR B 56 -1.05 6.45 14.58
C THR B 56 -1.31 7.13 15.92
N ALA B 57 -0.27 7.41 16.69
CA ALA B 57 -0.46 8.05 17.99
C ALA B 57 -1.12 9.41 17.83
N ASP B 58 -2.28 9.58 18.45
CA ASP B 58 -3.04 10.83 18.38
C ASP B 58 -2.22 12.12 18.29
N PRO B 59 -1.47 12.44 19.35
CA PRO B 59 -0.66 13.66 19.36
C PRO B 59 0.11 13.92 18.07
N ILE B 60 0.70 12.89 17.50
CA ILE B 60 1.45 13.05 16.25
C ILE B 60 0.50 13.22 15.10
N THR B 61 -0.62 12.54 15.19
CA THR B 61 -1.58 12.67 14.12
C THR B 61 -2.05 14.09 14.03
N LYS B 62 -2.81 14.54 15.03
CA LYS B 62 -3.34 15.90 14.99
C LYS B 62 -2.26 16.92 14.62
N LEU B 63 -1.00 16.52 14.71
CA LEU B 63 0.08 17.41 14.37
C LEU B 63 0.25 17.40 12.86
N THR B 64 0.22 16.22 12.29
CA THR B 64 0.38 16.02 10.84
C THR B 64 -0.95 15.97 10.10
N ALA B 65 -2.02 16.31 10.82
CA ALA B 65 -3.38 16.28 10.27
C ALA B 65 -3.64 17.03 8.97
N PRO B 66 -3.20 18.29 8.89
CA PRO B 66 -3.39 19.12 7.70
C PRO B 66 -2.35 18.98 6.61
N TYR B 67 -1.53 17.94 6.70
CA TYR B 67 -0.48 17.73 5.71
C TYR B 67 -0.54 16.36 5.02
N ARG B 68 0.05 16.26 3.84
CA ARG B 68 0.09 15.00 3.09
C ARG B 68 1.40 14.27 3.32
N HIS B 69 2.48 15.03 3.55
CA HIS B 69 3.80 14.44 3.80
C HIS B 69 4.33 14.85 5.17
N ALA B 70 4.56 13.85 6.01
CA ALA B 70 5.10 14.11 7.32
C ALA B 70 6.35 13.24 7.41
N GLN B 71 7.49 13.88 7.62
CA GLN B 71 8.75 13.16 7.70
C GLN B 71 9.43 13.46 9.02
N ILE B 72 10.00 12.43 9.62
CA ILE B 72 10.70 12.57 10.88
C ILE B 72 12.10 13.06 10.65
N VAL B 73 12.57 13.93 11.52
CA VAL B 73 13.91 14.45 11.38
C VAL B 73 14.77 13.87 12.49
N GLU B 74 14.22 13.87 13.70
CA GLU B 74 14.92 13.30 14.84
C GLU B 74 13.83 12.87 15.78
N CYS B 75 14.13 11.91 16.63
CA CYS B 75 13.12 11.43 17.55
C CYS B 75 13.81 10.61 18.64
N LYS B 76 13.22 10.58 19.83
CA LYS B 76 13.81 9.83 20.93
C LYS B 76 12.88 9.59 22.11
N ALA B 77 13.02 8.41 22.71
CA ALA B 77 12.21 8.04 23.86
C ALA B 77 12.93 8.47 25.13
N ILE B 78 12.16 9.01 26.07
CA ILE B 78 12.72 9.47 27.33
C ILE B 78 12.10 8.77 28.53
N LEU B 79 12.92 8.10 29.35
CA LEU B 79 12.46 7.41 30.55
C LEU B 79 12.58 8.37 31.71
N THR B 80 11.46 8.64 32.39
CA THR B 80 11.45 9.57 33.50
C THR B 80 10.96 8.97 34.80
N PRO B 81 11.85 8.81 35.78
CA PRO B 81 11.45 8.23 37.06
C PRO B 81 10.98 9.37 37.95
N THR B 82 10.16 9.07 38.94
CA THR B 82 9.68 10.11 39.85
C THR B 82 10.02 9.71 41.26
N ASP B 83 9.85 10.63 42.19
CA ASP B 83 10.16 10.36 43.57
C ASP B 83 9.63 9.00 44.02
N LEU B 84 8.41 8.71 43.61
CA LEU B 84 7.81 7.44 43.99
C LEU B 84 8.69 6.27 43.60
N ALA B 85 9.43 6.42 42.52
CA ALA B 85 10.29 5.34 42.09
C ALA B 85 11.39 5.09 43.11
N VAL B 86 11.87 6.16 43.74
CA VAL B 86 12.95 6.03 44.70
C VAL B 86 12.78 4.88 45.69
N SER B 87 11.55 4.66 46.14
CA SER B 87 11.25 3.60 47.11
C SER B 87 10.49 2.41 46.52
N ASN B 88 10.03 2.53 45.28
CA ASN B 88 9.32 1.45 44.61
C ASN B 88 9.97 1.13 43.29
N PRO B 89 11.17 0.55 43.34
CA PRO B 89 11.94 0.18 42.15
C PRO B 89 11.08 -0.50 41.11
N LEU B 90 11.52 -0.45 39.86
CA LEU B 90 10.80 -1.10 38.78
C LEU B 90 11.71 -1.13 37.59
N THR B 91 11.50 -2.08 36.69
CA THR B 91 12.33 -2.19 35.50
C THR B 91 11.53 -2.02 34.21
N VAL B 92 12.04 -1.18 33.31
CA VAL B 92 11.40 -0.90 32.05
C VAL B 92 12.18 -1.56 30.93
N TYR B 93 11.51 -1.82 29.81
CA TYR B 93 12.12 -2.45 28.65
C TYR B 93 11.82 -1.68 27.37
N LEU B 94 12.80 -1.04 26.77
CA LEU B 94 12.51 -0.30 25.54
C LEU B 94 13.11 -1.02 24.37
N ALA B 95 12.73 -0.58 23.16
CA ALA B 95 13.22 -1.18 21.93
C ALA B 95 12.49 -0.62 20.72
N TRP B 96 13.12 0.27 19.98
CA TRP B 96 12.50 0.84 18.79
C TRP B 96 12.54 -0.21 17.68
N VAL B 97 11.40 -0.52 17.09
CA VAL B 97 11.34 -1.49 16.01
C VAL B 97 10.32 -1.03 14.98
N PRO B 98 10.51 -1.38 13.70
CA PRO B 98 9.54 -0.97 12.68
C PRO B 98 8.22 -1.68 12.91
N ALA B 99 7.12 -0.96 12.74
CA ALA B 99 5.79 -1.50 12.99
C ALA B 99 5.50 -2.95 12.60
N ASN B 100 5.91 -3.39 11.41
CA ASN B 100 5.59 -4.75 11.00
C ASN B 100 6.32 -5.90 11.70
N SER B 101 7.24 -5.59 12.61
CA SER B 101 7.96 -6.62 13.34
C SER B 101 7.04 -7.38 14.27
N PRO B 102 7.13 -8.71 14.25
CA PRO B 102 6.31 -9.61 15.08
C PRO B 102 6.75 -9.61 16.55
N ALA B 103 7.48 -8.58 16.96
CA ALA B 103 7.94 -8.49 18.33
C ALA B 103 6.81 -8.00 19.22
N THR B 104 6.74 -8.53 20.44
CA THR B 104 5.69 -8.12 21.38
C THR B 104 6.36 -7.58 22.64
N PRO B 105 5.69 -6.66 23.33
CA PRO B 105 6.22 -6.07 24.57
C PRO B 105 6.83 -7.05 25.54
N THR B 106 6.17 -8.18 25.73
CA THR B 106 6.65 -9.18 26.68
C THR B 106 7.97 -9.84 26.33
N GLN B 107 8.28 -9.90 25.03
CA GLN B 107 9.51 -10.55 24.58
C GLN B 107 10.55 -9.56 24.02
N ILE B 108 10.74 -8.44 24.70
CA ILE B 108 11.67 -7.45 24.20
C ILE B 108 13.12 -7.87 24.17
N LEU B 109 13.65 -8.28 25.31
CA LEU B 109 15.04 -8.69 25.36
C LEU B 109 15.43 -9.66 24.26
N ARG B 110 14.44 -10.30 23.64
CA ARG B 110 14.73 -11.26 22.59
C ARG B 110 14.82 -10.69 21.17
N VAL B 111 14.92 -9.36 21.06
CA VAL B 111 15.04 -8.70 19.76
C VAL B 111 16.32 -7.88 19.80
N TYR B 112 17.10 -7.91 18.73
CA TYR B 112 18.37 -7.18 18.71
C TYR B 112 18.26 -5.69 19.05
N GLY B 113 18.58 -5.34 20.29
CA GLY B 113 18.54 -3.97 20.71
C GLY B 113 17.77 -3.70 21.98
N GLY B 114 16.96 -4.67 22.39
CA GLY B 114 16.19 -4.47 23.60
C GLY B 114 17.07 -4.26 24.80
N GLN B 115 16.78 -3.24 25.60
CA GLN B 115 17.57 -3.01 26.81
C GLN B 115 16.69 -2.86 28.03
N SER B 116 17.27 -3.18 29.20
CA SER B 116 16.56 -3.12 30.47
C SER B 116 17.14 -2.12 31.45
N PHE B 117 16.29 -1.23 31.94
CA PHE B 117 16.72 -0.22 32.90
C PHE B 117 16.09 -0.49 34.26
N VAL B 118 16.63 0.13 35.29
CA VAL B 118 16.10 -0.08 36.63
C VAL B 118 15.83 1.26 37.25
N LEU B 119 14.82 1.96 36.77
CA LEU B 119 14.52 3.28 37.27
C LEU B 119 14.35 3.40 38.77
N GLY B 120 13.57 2.49 39.33
CA GLY B 120 13.32 2.55 40.76
C GLY B 120 14.50 2.78 41.72
N GLY B 121 15.71 2.47 41.27
CA GLY B 121 16.87 2.64 42.12
C GLY B 121 16.65 3.31 43.47
N ALA B 122 16.96 2.59 44.55
CA ALA B 122 16.87 3.12 45.91
C ALA B 122 18.32 3.43 46.30
N ILE B 123 19.22 2.87 45.49
CA ILE B 123 20.67 3.02 45.61
C ILE B 123 21.14 3.83 44.42
N SER B 124 20.70 3.42 43.23
CA SER B 124 21.06 4.10 41.99
C SER B 124 20.57 5.56 41.97
N ALA B 125 21.22 6.38 41.15
CA ALA B 125 20.86 7.78 41.03
C ALA B 125 19.57 7.91 40.23
N ALA B 126 18.77 8.92 40.54
CA ALA B 126 17.50 9.11 39.84
C ALA B 126 17.65 10.13 38.71
N LYS B 127 18.09 9.64 37.55
CA LYS B 127 18.29 10.49 36.39
C LYS B 127 17.47 9.96 35.24
N THR B 128 17.10 10.85 34.33
CA THR B 128 16.30 10.45 33.19
C THR B 128 17.18 9.82 32.13
N ILE B 129 16.71 8.72 31.57
CA ILE B 129 17.42 8.01 30.54
C ILE B 129 16.88 8.52 29.23
N GLU B 130 17.65 8.37 28.16
CA GLU B 130 17.25 8.86 26.85
C GLU B 130 17.63 7.88 25.76
N VAL B 131 16.64 7.17 25.21
CA VAL B 131 16.89 6.23 24.12
C VAL B 131 16.38 6.79 22.82
N PRO B 132 17.29 7.25 21.96
CA PRO B 132 17.01 7.84 20.65
C PRO B 132 16.68 6.79 19.61
N LEU B 133 15.86 7.19 18.64
CA LEU B 133 15.44 6.32 17.56
C LEU B 133 16.45 6.43 16.44
N ASN B 134 16.99 5.30 15.97
CA ASN B 134 17.95 5.34 14.88
C ASN B 134 17.14 5.21 13.59
N LEU B 135 16.77 6.35 13.01
CA LEU B 135 15.94 6.34 11.82
C LEU B 135 16.63 5.87 10.55
N ASP B 136 17.46 4.86 10.71
CA ASP B 136 18.15 4.26 9.59
C ASP B 136 17.76 2.79 9.73
N SER B 137 17.10 2.53 10.86
CA SER B 137 16.61 1.19 11.19
C SER B 137 15.17 1.04 10.75
N VAL B 138 14.46 2.16 10.67
CA VAL B 138 13.06 2.14 10.26
C VAL B 138 12.80 3.13 9.14
N ASN B 139 11.53 3.46 8.91
CA ASN B 139 11.18 4.40 7.86
C ASN B 139 10.89 5.78 8.41
N ARG B 140 11.56 6.78 7.84
CA ARG B 140 11.41 8.16 8.27
C ARG B 140 10.04 8.79 8.04
N MET B 141 9.33 8.28 7.04
CA MET B 141 8.02 8.80 6.66
C MET B 141 6.83 8.36 7.52
N LEU B 142 6.20 9.31 8.20
CA LEU B 142 5.08 8.96 9.04
C LEU B 142 3.80 8.97 8.22
N LYS B 143 3.70 9.92 7.30
CA LYS B 143 2.51 10.07 6.47
C LYS B 143 2.91 10.50 5.07
N ASP B 144 2.58 9.68 4.07
CA ASP B 144 2.92 9.99 2.68
C ASP B 144 1.74 9.70 1.73
N SER B 145 1.99 9.81 0.43
CA SER B 145 0.96 9.53 -0.57
C SER B 145 0.78 8.02 -0.69
N VAL B 146 1.55 7.29 0.11
CA VAL B 146 1.50 5.83 0.16
C VAL B 146 1.58 5.46 1.61
N THR B 147 1.04 4.30 1.98
CA THR B 147 1.10 3.86 3.38
C THR B 147 2.28 2.93 3.53
N TYR B 148 3.15 3.16 4.51
CA TYR B 148 4.31 2.28 4.68
C TYR B 148 4.17 1.28 5.83
N THR B 149 5.08 0.32 5.88
CA THR B 149 5.05 -0.69 6.95
C THR B 149 6.30 -0.65 7.86
N ASP B 150 7.31 0.11 7.46
CA ASP B 150 8.53 0.22 8.25
C ASP B 150 8.40 1.41 9.21
N THR B 151 7.19 1.81 9.52
CA THR B 151 6.97 2.93 10.43
C THR B 151 7.59 2.67 11.81
N PRO B 152 8.25 3.67 12.42
CA PRO B 152 8.82 3.38 13.74
C PRO B 152 7.73 3.11 14.78
N LYS B 153 7.98 2.11 15.62
CA LYS B 153 7.06 1.72 16.68
C LYS B 153 7.84 1.51 17.96
N LEU B 154 7.32 2.00 19.08
CA LEU B 154 8.00 1.84 20.35
C LEU B 154 7.46 0.68 21.16
N LEU B 155 8.33 -0.26 21.52
CA LEU B 155 7.93 -1.40 22.34
C LEU B 155 8.41 -1.11 23.74
N ALA B 156 7.51 -1.23 24.72
CA ALA B 156 7.88 -0.98 26.11
C ALA B 156 7.14 -1.95 27.01
N TYR B 157 7.75 -2.30 28.13
CA TYR B 157 7.11 -3.23 29.06
C TYR B 157 7.69 -3.19 30.46
N SER B 158 6.91 -3.64 31.42
CA SER B 158 7.33 -3.70 32.82
C SER B 158 6.39 -4.63 33.56
N ARG B 159 6.96 -5.60 34.27
CA ARG B 159 6.18 -6.58 35.03
C ARG B 159 5.12 -5.89 35.88
N ALA B 160 4.10 -6.64 36.25
CA ALA B 160 3.05 -6.08 37.08
C ALA B 160 3.73 -5.67 38.37
N PRO B 161 3.41 -4.48 38.88
CA PRO B 161 4.00 -3.95 40.11
C PRO B 161 3.73 -4.79 41.35
N THR B 162 4.56 -4.61 42.37
CA THR B 162 4.42 -5.32 43.63
C THR B 162 3.45 -4.53 44.51
N ASN B 163 3.70 -3.22 44.57
CA ASN B 163 2.87 -2.30 45.35
C ASN B 163 2.21 -1.32 44.40
N PRO B 164 1.21 -1.79 43.63
CA PRO B 164 0.50 -0.93 42.68
C PRO B 164 0.22 0.44 43.28
N SER B 165 0.51 1.50 42.54
CA SER B 165 0.27 2.85 43.01
C SER B 165 -0.66 3.54 42.02
N LYS B 166 -1.52 4.40 42.55
CA LYS B 166 -2.47 5.13 41.71
C LYS B 166 -1.79 6.35 41.07
N ILE B 167 -0.55 6.59 41.48
CA ILE B 167 0.25 7.67 40.93
C ILE B 167 1.43 7.02 40.24
N PRO B 168 1.61 7.27 38.93
CA PRO B 168 2.70 6.68 38.16
C PRO B 168 4.06 6.85 38.81
N THR B 169 4.94 5.89 38.57
CA THR B 169 6.26 5.95 39.15
C THR B 169 7.29 6.25 38.08
N ALA B 170 6.89 6.10 36.83
CA ALA B 170 7.79 6.35 35.71
C ALA B 170 6.97 6.58 34.45
N SER B 171 7.50 7.32 33.50
CA SER B 171 6.78 7.59 32.27
C SER B 171 7.72 7.76 31.11
N ILE B 172 7.30 7.33 29.93
CA ILE B 172 8.11 7.47 28.73
C ILE B 172 7.56 8.66 27.95
N GLN B 173 8.45 9.51 27.45
CA GLN B 173 8.04 10.66 26.66
C GLN B 173 8.64 10.39 25.29
N ILE B 174 8.03 10.92 24.23
CA ILE B 174 8.59 10.72 22.90
C ILE B 174 8.63 12.07 22.25
N SER B 175 9.81 12.65 22.13
CA SER B 175 9.93 13.95 21.51
C SER B 175 10.80 13.93 20.27
N GLY B 176 10.67 14.97 19.47
CA GLY B 176 11.44 15.05 18.25
C GLY B 176 10.96 16.15 17.33
N ARG B 177 11.34 16.08 16.07
CA ARG B 177 10.93 17.09 15.13
C ARG B 177 10.45 16.47 13.83
N ILE B 178 9.34 16.97 13.32
CA ILE B 178 8.74 16.49 12.09
C ILE B 178 8.86 17.52 10.99
N ARG B 179 8.72 17.08 9.75
CA ARG B 179 8.83 17.98 8.63
C ARG B 179 7.59 17.85 7.75
N LEU B 180 6.58 18.68 8.01
CA LEU B 180 5.34 18.63 7.24
C LEU B 180 5.45 19.41 5.94
N SER B 181 4.68 18.99 4.94
CA SER B 181 4.67 19.64 3.63
C SER B 181 3.48 19.19 2.79
N LYS B 182 3.24 19.88 1.67
CA LYS B 182 2.13 19.57 0.77
C LYS B 182 0.83 19.45 1.58
N PRO B 183 0.27 20.61 1.98
CA PRO B 183 -0.96 20.68 2.77
C PRO B 183 -2.10 19.88 2.19
N MET B 184 -3.01 19.48 3.08
CA MET B 184 -4.15 18.68 2.69
C MET B 184 -5.41 19.42 3.04
N LEU B 185 -6.32 19.54 2.08
CA LEU B 185 -7.56 20.24 2.35
C LEU B 185 -8.35 19.51 3.40
N ILE B 186 -8.75 20.23 4.45
CA ILE B 186 -9.54 19.63 5.50
C ILE B 186 -10.65 20.58 5.88
N ALA B 187 -11.43 20.20 6.88
CA ALA B 187 -12.52 21.04 7.31
C ALA B 187 -12.09 21.91 8.48
N ASN B 188 -12.01 23.21 8.26
CA ASN B 188 -11.59 24.15 9.32
C ASN B 188 -12.78 24.55 10.20
N SER C 4 16.70 -33.77 -28.09
CA SER C 4 16.78 -32.86 -26.90
C SER C 4 15.87 -33.35 -25.74
N GLU C 5 16.30 -33.06 -24.52
CA GLU C 5 15.55 -33.47 -23.34
C GLU C 5 14.82 -32.30 -22.67
N VAL C 6 15.31 -31.09 -22.93
CA VAL C 6 14.70 -29.86 -22.40
C VAL C 6 14.59 -28.81 -23.50
N VAL C 7 13.42 -28.21 -23.62
CA VAL C 7 13.21 -27.19 -24.62
C VAL C 7 12.67 -25.95 -23.96
N LYS C 8 13.36 -24.83 -24.19
CA LYS C 8 12.96 -23.57 -23.58
C LYS C 8 12.26 -22.69 -24.62
N VAL C 9 10.97 -22.48 -24.40
CA VAL C 9 10.15 -21.66 -25.27
C VAL C 9 9.77 -20.34 -24.58
N LYS C 10 10.50 -19.29 -24.93
CA LYS C 10 10.29 -17.96 -24.36
C LYS C 10 8.91 -17.41 -24.68
N GLN C 11 8.33 -16.70 -23.70
CA GLN C 11 7.01 -16.11 -23.90
C GLN C 11 7.14 -14.74 -24.53
N ALA C 12 6.21 -14.43 -25.45
CA ALA C 12 6.21 -13.14 -26.12
C ALA C 12 5.85 -12.05 -25.11
N SER C 13 6.45 -10.88 -25.25
CA SER C 13 6.17 -9.80 -24.29
C SER C 13 6.57 -8.40 -24.73
N ILE C 14 6.13 -7.43 -23.94
CA ILE C 14 6.42 -6.01 -24.18
C ILE C 14 6.86 -5.39 -22.87
N PRO C 15 7.87 -4.50 -22.93
CA PRO C 15 8.36 -3.84 -21.72
C PRO C 15 7.26 -3.09 -20.96
N ALA C 16 7.13 -3.44 -19.68
CA ALA C 16 6.15 -2.84 -18.75
C ALA C 16 6.75 -2.87 -17.35
N PRO C 17 8.02 -2.44 -17.21
CA PRO C 17 8.84 -2.36 -16.00
C PRO C 17 8.17 -2.36 -14.64
N GLY C 18 7.24 -1.42 -14.43
CA GLY C 18 6.57 -1.35 -13.14
C GLY C 18 7.44 -0.56 -12.15
N SER C 19 7.10 0.71 -11.99
CA SER C 19 7.80 1.63 -11.10
C SER C 19 7.88 1.13 -9.66
N ILE C 20 9.07 1.14 -9.07
CA ILE C 20 9.28 0.71 -7.68
C ILE C 20 9.84 1.86 -6.86
N LEU C 21 9.77 1.73 -5.53
CA LEU C 21 10.27 2.77 -4.65
C LEU C 21 11.79 2.88 -4.62
N SER C 22 12.24 4.07 -4.24
CA SER C 22 13.66 4.39 -4.17
C SER C 22 14.18 4.33 -2.73
N GLN C 23 15.47 4.08 -2.59
CA GLN C 23 16.14 4.02 -1.27
C GLN C 23 16.98 5.29 -1.08
N PRO C 24 17.17 5.71 0.19
CA PRO C 24 17.97 6.91 0.51
C PRO C 24 19.50 6.75 0.40
N ASN C 25 20.17 7.88 0.13
CA ASN C 25 21.63 7.93 -0.01
C ASN C 25 22.28 7.81 1.39
N THR C 26 21.83 6.79 2.12
CA THR C 26 22.31 6.52 3.46
C THR C 26 22.97 5.14 3.47
N GLU C 27 23.36 4.74 4.68
CA GLU C 27 24.01 3.46 4.96
C GLU C 27 22.99 2.35 4.76
N GLN C 28 23.02 1.74 3.57
CA GLN C 28 22.13 0.62 3.22
C GLN C 28 22.85 -0.70 3.59
N SER C 29 22.54 -1.79 2.88
CA SER C 29 23.18 -3.06 3.20
C SER C 29 23.45 -4.02 2.03
N PRO C 30 24.28 -5.06 2.30
CA PRO C 30 24.61 -6.07 1.30
C PRO C 30 23.53 -7.16 1.47
N ALA C 31 23.32 -7.97 0.43
CA ALA C 31 22.30 -9.00 0.49
C ALA C 31 22.81 -10.39 0.20
N ILE C 32 21.90 -11.35 0.32
CA ILE C 32 22.22 -12.74 0.08
C ILE C 32 21.34 -13.15 -1.07
N VAL C 33 21.68 -14.23 -1.76
CA VAL C 33 20.84 -14.69 -2.86
C VAL C 33 20.48 -16.14 -2.62
N LEU C 34 19.20 -16.37 -2.38
CA LEU C 34 18.70 -17.69 -2.09
C LEU C 34 17.94 -18.22 -3.26
N PRO C 35 18.00 -19.53 -3.48
CA PRO C 35 17.29 -20.14 -4.58
C PRO C 35 16.01 -20.75 -4.03
N PHE C 36 15.09 -21.09 -4.91
CA PHE C 36 13.84 -21.70 -4.49
C PHE C 36 13.19 -22.39 -5.66
N GLN C 37 12.42 -23.43 -5.38
CA GLN C 37 11.72 -24.18 -6.42
C GLN C 37 10.61 -24.98 -5.76
N PHE C 38 9.36 -24.58 -6.01
CA PHE C 38 8.21 -25.25 -5.42
C PHE C 38 7.21 -25.78 -6.44
N GLU C 39 6.32 -26.66 -6.00
CA GLU C 39 5.32 -27.24 -6.90
C GLU C 39 4.09 -26.35 -7.02
N ALA C 40 3.82 -25.86 -8.21
CA ALA C 40 2.68 -24.98 -8.44
C ALA C 40 1.33 -25.66 -8.64
N THR C 41 1.21 -26.55 -9.63
CA THR C 41 -0.06 -27.25 -9.87
C THR C 41 0.15 -28.67 -10.39
N THR C 42 -0.94 -29.41 -10.53
CA THR C 42 -0.88 -30.79 -11.02
C THR C 42 -1.87 -30.85 -12.18
N PHE C 43 -1.93 -31.95 -12.93
CA PHE C 43 -2.86 -31.95 -14.05
C PHE C 43 -3.76 -33.13 -14.34
N GLY C 44 -3.27 -34.34 -14.17
CA GLY C 44 -4.12 -35.49 -14.47
C GLY C 44 -5.48 -35.61 -13.79
N THR C 45 -5.59 -35.10 -12.56
CA THR C 45 -6.82 -35.18 -11.76
C THR C 45 -8.10 -34.66 -12.39
N ALA C 46 -8.28 -33.34 -12.46
CA ALA C 46 -9.49 -32.80 -13.04
C ALA C 46 -9.21 -31.50 -13.76
N GLU C 47 -10.25 -30.82 -14.23
CA GLU C 47 -10.07 -29.55 -14.93
C GLU C 47 -9.25 -28.66 -14.00
N THR C 48 -8.02 -28.39 -14.39
CA THR C 48 -7.15 -27.57 -13.57
C THR C 48 -7.06 -26.17 -14.10
N ALA C 49 -7.42 -25.21 -13.27
CA ALA C 49 -7.37 -23.81 -13.68
C ALA C 49 -6.77 -23.05 -12.54
N ALA C 50 -5.45 -23.09 -12.46
CA ALA C 50 -4.77 -22.43 -11.38
C ALA C 50 -4.04 -21.17 -11.73
N GLN C 51 -3.87 -20.33 -10.72
CA GLN C 51 -3.17 -19.07 -10.86
C GLN C 51 -2.35 -18.80 -9.62
N VAL C 52 -1.03 -18.90 -9.78
CA VAL C 52 -0.07 -18.67 -8.70
C VAL C 52 0.36 -17.22 -8.75
N SER C 53 0.62 -16.63 -7.59
CA SER C 53 0.99 -15.22 -7.59
C SER C 53 2.30 -14.87 -6.91
N LEU C 54 3.17 -15.86 -6.75
CA LEU C 54 4.44 -15.64 -6.08
C LEU C 54 4.16 -14.89 -4.77
N GLN C 55 4.41 -13.59 -4.77
CA GLN C 55 4.20 -12.73 -3.60
C GLN C 55 3.43 -13.28 -2.40
N THR C 56 2.24 -13.81 -2.66
CA THR C 56 1.39 -14.33 -1.59
C THR C 56 1.63 -15.78 -1.26
N ALA C 57 1.86 -16.58 -2.28
CA ALA C 57 2.07 -18.00 -2.07
C ALA C 57 3.44 -18.33 -1.51
N ASP C 58 3.46 -19.01 -0.38
CA ASP C 58 4.72 -19.44 0.21
C ASP C 58 5.01 -20.62 -0.68
N PRO C 59 6.23 -21.15 -0.63
CA PRO C 59 7.30 -20.73 0.24
C PRO C 59 8.13 -19.53 -0.18
N ILE C 60 7.92 -18.98 -1.37
CA ILE C 60 8.78 -17.84 -1.72
C ILE C 60 8.46 -16.70 -0.77
N THR C 61 7.85 -17.07 0.35
CA THR C 61 7.46 -16.13 1.37
C THR C 61 8.07 -16.57 2.69
N LYS C 62 8.07 -17.88 2.92
CA LYS C 62 8.67 -18.40 4.15
C LYS C 62 10.15 -18.12 3.99
N LEU C 63 10.51 -17.69 2.77
CA LEU C 63 11.89 -17.36 2.44
C LEU C 63 12.15 -15.89 2.67
N THR C 64 11.14 -15.07 2.44
CA THR C 64 11.30 -13.63 2.62
C THR C 64 10.82 -13.15 3.98
N ALA C 65 10.42 -14.07 4.83
CA ALA C 65 9.90 -13.73 6.15
C ALA C 65 10.81 -12.92 7.08
N PRO C 66 12.09 -13.30 7.16
CA PRO C 66 13.10 -12.65 8.00
C PRO C 66 13.71 -11.38 7.44
N TYR C 67 13.40 -11.07 6.19
CA TYR C 67 13.92 -9.88 5.56
C TYR C 67 12.73 -9.01 5.20
N ARG C 68 12.99 -7.77 4.80
CA ARG C 68 11.87 -6.93 4.39
C ARG C 68 12.23 -6.19 3.10
N HIS C 69 12.85 -6.93 2.20
CA HIS C 69 13.22 -6.45 0.88
C HIS C 69 13.63 -7.63 0.03
N ALA C 70 12.65 -8.18 -0.69
CA ALA C 70 12.86 -9.32 -1.55
C ALA C 70 12.74 -8.88 -2.99
N GLN C 71 13.73 -9.25 -3.79
CA GLN C 71 13.76 -8.91 -5.21
C GLN C 71 14.11 -10.17 -6.00
N ILE C 72 13.16 -10.62 -6.80
CA ILE C 72 13.35 -11.81 -7.62
C ILE C 72 14.39 -11.50 -8.69
N VAL C 73 15.46 -12.27 -8.72
CA VAL C 73 16.52 -12.01 -9.70
C VAL C 73 16.29 -12.68 -11.04
N GLU C 74 15.81 -13.92 -11.00
CA GLU C 74 15.50 -14.66 -12.22
C GLU C 74 14.40 -15.61 -11.82
N CYS C 75 13.62 -16.05 -12.79
CA CYS C 75 12.51 -16.93 -12.48
C CYS C 75 11.98 -17.58 -13.73
N LYS C 76 11.53 -18.82 -13.61
CA LYS C 76 11.00 -19.55 -14.75
C LYS C 76 9.97 -20.58 -14.36
N ALA C 77 9.08 -20.91 -15.29
CA ALA C 77 8.06 -21.90 -15.02
C ALA C 77 8.45 -23.16 -15.75
N ILE C 78 8.41 -24.28 -15.05
CA ILE C 78 8.78 -25.56 -15.62
C ILE C 78 7.58 -26.48 -15.80
N LEU C 79 7.44 -27.07 -16.99
CA LEU C 79 6.33 -27.99 -17.30
C LEU C 79 6.92 -29.40 -17.31
N THR C 80 6.24 -30.37 -16.69
CA THR C 80 6.79 -31.71 -16.67
C THR C 80 5.79 -32.81 -16.97
N PRO C 81 5.96 -33.51 -18.10
CA PRO C 81 5.03 -34.58 -18.45
C PRO C 81 5.46 -35.82 -17.71
N THR C 82 4.53 -36.73 -17.47
CA THR C 82 4.82 -37.98 -16.77
C THR C 82 4.52 -39.17 -17.64
N ASP C 83 5.14 -40.30 -17.33
CA ASP C 83 4.90 -41.50 -18.13
C ASP C 83 3.42 -41.72 -18.38
N LEU C 84 2.58 -41.15 -17.52
CA LEU C 84 1.13 -41.29 -17.68
C LEU C 84 0.64 -40.59 -18.93
N ALA C 85 1.18 -39.41 -19.19
CA ALA C 85 0.77 -38.63 -20.35
C ALA C 85 1.29 -39.17 -21.67
N VAL C 86 2.12 -40.20 -21.62
CA VAL C 86 2.64 -40.76 -22.85
C VAL C 86 1.52 -41.31 -23.71
N SER C 87 0.50 -41.86 -23.06
CA SER C 87 -0.64 -42.42 -23.78
C SER C 87 -1.96 -41.81 -23.30
N ASN C 88 -1.85 -40.75 -22.51
CA ASN C 88 -3.02 -40.06 -21.99
C ASN C 88 -2.81 -38.55 -22.15
N PRO C 89 -2.53 -38.14 -23.39
CA PRO C 89 -2.27 -36.77 -23.80
C PRO C 89 -3.18 -35.76 -23.16
N LEU C 90 -2.69 -34.54 -23.04
CA LEU C 90 -3.44 -33.45 -22.45
C LEU C 90 -2.85 -32.15 -22.98
N THR C 91 -3.58 -31.05 -22.86
CA THR C 91 -3.10 -29.78 -23.35
C THR C 91 -3.07 -28.73 -22.25
N VAL C 92 -1.94 -28.03 -22.13
CA VAL C 92 -1.76 -27.00 -21.10
C VAL C 92 -1.67 -25.59 -21.65
N TYR C 93 -1.96 -24.61 -20.81
CA TYR C 93 -1.92 -23.21 -21.20
C TYR C 93 -1.13 -22.36 -20.22
N LEU C 94 -0.04 -21.75 -20.68
CA LEU C 94 0.77 -20.93 -19.80
C LEU C 94 0.76 -19.47 -20.20
N ALA C 95 1.02 -18.61 -19.22
CA ALA C 95 1.06 -17.18 -19.45
C ALA C 95 1.47 -16.49 -18.16
N TRP C 96 2.42 -15.57 -18.24
CA TRP C 96 2.83 -14.86 -17.05
C TRP C 96 2.19 -13.49 -17.14
N VAL C 97 1.37 -13.11 -16.17
CA VAL C 97 0.75 -11.81 -16.24
C VAL C 97 0.89 -11.08 -14.94
N PRO C 98 1.01 -9.76 -14.97
CA PRO C 98 1.14 -8.97 -13.75
C PRO C 98 -0.09 -9.11 -12.87
N ALA C 99 0.15 -9.56 -11.64
CA ALA C 99 -0.88 -9.77 -10.65
C ALA C 99 -2.18 -9.00 -10.84
N ASN C 100 -2.10 -7.72 -11.15
CA ASN C 100 -3.32 -6.94 -11.28
C ASN C 100 -3.99 -7.05 -12.65
N SER C 101 -3.82 -8.19 -13.29
CA SER C 101 -4.42 -8.38 -14.60
C SER C 101 -5.76 -9.12 -14.60
N PRO C 102 -6.72 -8.61 -15.38
CA PRO C 102 -8.08 -9.11 -15.56
C PRO C 102 -8.14 -10.51 -16.14
N ALA C 103 -7.03 -10.98 -16.66
CA ALA C 103 -6.96 -12.30 -17.27
C ALA C 103 -7.22 -13.43 -16.28
N THR C 104 -7.95 -14.45 -16.73
CA THR C 104 -8.24 -15.59 -15.88
C THR C 104 -7.86 -16.86 -16.62
N PRO C 105 -7.41 -17.87 -15.88
CA PRO C 105 -6.99 -19.17 -16.38
C PRO C 105 -7.62 -19.66 -17.67
N THR C 106 -8.93 -19.48 -17.80
CA THR C 106 -9.63 -19.95 -19.00
C THR C 106 -9.36 -19.13 -20.25
N GLN C 107 -9.01 -17.86 -20.07
CA GLN C 107 -8.75 -16.92 -21.17
C GLN C 107 -7.30 -16.86 -21.65
N ILE C 108 -6.42 -17.65 -21.05
CA ILE C 108 -5.02 -17.61 -21.41
C ILE C 108 -4.78 -17.23 -22.86
N LEU C 109 -5.34 -18.00 -23.78
CA LEU C 109 -5.11 -17.73 -25.19
C LEU C 109 -5.56 -16.38 -25.75
N ARG C 110 -6.11 -15.51 -24.92
CA ARG C 110 -6.50 -14.22 -25.44
C ARG C 110 -5.64 -13.11 -24.89
N VAL C 111 -4.51 -13.48 -24.30
CA VAL C 111 -3.61 -12.48 -23.76
C VAL C 111 -2.30 -12.53 -24.53
N TYR C 112 -1.93 -11.40 -25.13
CA TYR C 112 -0.70 -11.36 -25.89
C TYR C 112 0.38 -12.20 -25.25
N GLY C 113 0.65 -13.35 -25.85
CA GLY C 113 1.68 -14.21 -25.33
C GLY C 113 1.22 -15.53 -24.75
N GLY C 114 -0.08 -15.75 -24.70
CA GLY C 114 -0.55 -17.00 -24.15
C GLY C 114 0.06 -18.11 -24.99
N GLN C 115 0.30 -19.27 -24.41
CA GLN C 115 0.87 -20.36 -25.17
C GLN C 115 0.13 -21.65 -24.95
N SER C 116 0.23 -22.54 -25.92
CA SER C 116 -0.44 -23.83 -25.83
C SER C 116 0.44 -25.01 -26.09
N PHE C 117 0.76 -25.74 -25.04
CA PHE C 117 1.59 -26.91 -25.17
C PHE C 117 0.74 -28.16 -25.08
N VAL C 118 1.07 -29.17 -25.87
CA VAL C 118 0.33 -30.42 -25.88
C VAL C 118 1.24 -31.53 -25.38
N LEU C 119 1.22 -31.75 -24.08
CA LEU C 119 2.06 -32.75 -23.45
C LEU C 119 1.69 -34.19 -23.75
N GLY C 120 2.72 -34.98 -24.05
CA GLY C 120 2.54 -36.39 -24.33
C GLY C 120 1.67 -36.67 -25.53
N GLY C 121 1.45 -37.96 -25.79
CA GLY C 121 0.62 -38.37 -26.90
C GLY C 121 1.24 -38.18 -28.27
N ALA C 122 1.65 -36.95 -28.55
CA ALA C 122 2.27 -36.57 -29.83
C ALA C 122 3.47 -37.45 -30.15
N ILE C 123 4.33 -36.99 -31.06
CA ILE C 123 5.49 -37.79 -31.43
C ILE C 123 6.73 -37.52 -30.60
N SER C 124 7.05 -36.27 -30.34
CA SER C 124 8.24 -36.01 -29.54
C SER C 124 7.91 -35.45 -28.19
N ALA C 125 6.65 -35.55 -27.81
CA ALA C 125 6.20 -35.04 -26.52
C ALA C 125 6.96 -35.66 -25.34
N ALA C 126 6.47 -35.40 -24.13
CA ALA C 126 7.13 -35.97 -22.97
C ALA C 126 8.55 -35.45 -22.85
N LYS C 127 8.69 -34.12 -22.82
CA LYS C 127 9.98 -33.44 -22.70
C LYS C 127 9.78 -32.16 -21.92
N THR C 128 10.46 -32.03 -20.80
CA THR C 128 10.34 -30.86 -19.97
C THR C 128 10.31 -29.56 -20.78
N ILE C 129 9.30 -28.75 -20.58
CA ILE C 129 9.18 -27.47 -21.28
C ILE C 129 9.38 -26.29 -20.32
N GLU C 130 10.22 -25.33 -20.70
CA GLU C 130 10.49 -24.18 -19.85
C GLU C 130 9.98 -22.88 -20.44
N VAL C 131 9.28 -22.11 -19.62
CA VAL C 131 8.74 -20.82 -20.05
C VAL C 131 9.16 -19.81 -19.00
N PRO C 132 10.30 -19.15 -19.22
CA PRO C 132 10.85 -18.14 -18.31
C PRO C 132 10.00 -16.90 -18.17
N LEU C 133 10.17 -16.19 -17.05
CA LEU C 133 9.41 -14.97 -16.79
C LEU C 133 10.27 -13.78 -17.20
N ASN C 134 9.76 -12.93 -18.08
CA ASN C 134 10.50 -11.75 -18.53
C ASN C 134 10.39 -10.65 -17.48
N LEU C 135 11.48 -10.44 -16.74
CA LEU C 135 11.46 -9.46 -15.68
C LEU C 135 11.30 -7.99 -16.07
N ASP C 136 10.70 -7.75 -17.22
CA ASP C 136 10.47 -6.37 -17.68
C ASP C 136 8.98 -6.24 -17.88
N SER C 137 8.31 -7.38 -17.97
CA SER C 137 6.87 -7.41 -18.17
C SER C 137 6.16 -7.16 -16.85
N VAL C 138 6.74 -7.66 -15.78
CA VAL C 138 6.16 -7.51 -14.45
C VAL C 138 7.11 -6.80 -13.50
N ASN C 139 6.65 -6.58 -12.27
CA ASN C 139 7.46 -5.91 -11.26
C ASN C 139 8.25 -6.94 -10.51
N ARG C 140 9.53 -6.65 -10.32
CA ARG C 140 10.44 -7.56 -9.67
C ARG C 140 10.38 -7.56 -8.14
N MET C 141 9.68 -6.61 -7.55
CA MET C 141 9.63 -6.56 -6.10
C MET C 141 8.61 -7.48 -5.45
N LEU C 142 9.06 -8.48 -4.71
CA LEU C 142 8.14 -9.38 -4.06
C LEU C 142 7.76 -8.82 -2.70
N LYS C 143 8.75 -8.26 -2.01
CA LYS C 143 8.49 -7.70 -0.70
C LYS C 143 9.34 -6.47 -0.44
N ASP C 144 8.70 -5.31 -0.33
CA ASP C 144 9.42 -4.08 -0.07
C ASP C 144 8.81 -3.40 1.15
N SER C 145 8.92 -2.08 1.19
CA SER C 145 8.38 -1.30 2.28
C SER C 145 6.93 -0.94 1.98
N VAL C 146 6.49 -1.31 0.79
CA VAL C 146 5.13 -1.08 0.34
C VAL C 146 4.67 -2.43 -0.17
N THR C 147 3.47 -2.47 -0.73
CA THR C 147 2.92 -3.70 -1.28
C THR C 147 2.63 -3.36 -2.73
N TYR C 148 3.36 -3.96 -3.65
CA TYR C 148 3.13 -3.66 -5.05
C TYR C 148 1.93 -4.36 -5.64
N THR C 149 1.51 -3.90 -6.81
CA THR C 149 0.37 -4.49 -7.47
C THR C 149 0.76 -5.36 -8.63
N ASP C 150 1.72 -4.90 -9.43
CA ASP C 150 2.16 -5.66 -10.59
C ASP C 150 3.24 -6.70 -10.38
N THR C 151 3.07 -7.59 -9.39
CA THR C 151 4.08 -8.61 -9.16
C THR C 151 3.79 -9.77 -10.10
N PRO C 152 4.81 -10.57 -10.46
CA PRO C 152 4.54 -11.68 -11.37
C PRO C 152 3.48 -12.64 -10.85
N LYS C 153 2.76 -13.24 -11.78
CA LYS C 153 1.68 -14.17 -11.46
C LYS C 153 1.57 -15.12 -12.63
N LEU C 154 1.66 -16.42 -12.39
CA LEU C 154 1.59 -17.41 -13.45
C LEU C 154 0.23 -18.06 -13.43
N LEU C 155 -0.50 -17.98 -14.54
CA LEU C 155 -1.79 -18.63 -14.61
C LEU C 155 -1.76 -19.68 -15.70
N ALA C 156 -2.17 -20.90 -15.34
CA ALA C 156 -2.19 -22.05 -16.25
C ALA C 156 -3.56 -22.68 -16.26
N TYR C 157 -3.84 -23.45 -17.31
CA TYR C 157 -5.12 -24.11 -17.43
C TYR C 157 -5.01 -25.40 -18.22
N SER C 158 -6.01 -26.25 -18.09
CA SER C 158 -6.02 -27.51 -18.81
C SER C 158 -7.43 -28.04 -18.76
N ARG C 159 -8.02 -28.22 -19.93
CA ARG C 159 -9.38 -28.75 -20.04
C ARG C 159 -9.58 -29.95 -19.13
N ALA C 160 -10.82 -30.20 -18.73
CA ALA C 160 -11.13 -31.33 -17.85
C ALA C 160 -10.80 -32.63 -18.57
N PRO C 161 -10.04 -33.52 -17.90
CA PRO C 161 -9.60 -34.82 -18.40
C PRO C 161 -10.76 -35.72 -18.73
N THR C 162 -10.59 -36.55 -19.75
CA THR C 162 -11.64 -37.50 -20.16
C THR C 162 -11.45 -38.84 -19.45
N ASN C 163 -10.21 -39.14 -19.07
CA ASN C 163 -9.88 -40.38 -18.38
C ASN C 163 -9.09 -40.02 -17.13
N PRO C 164 -9.69 -39.21 -16.25
CA PRO C 164 -9.08 -38.74 -15.00
C PRO C 164 -8.25 -39.79 -14.25
N SER C 165 -7.02 -39.41 -13.93
CA SER C 165 -6.08 -40.27 -13.22
C SER C 165 -6.00 -39.96 -11.73
N LYS C 166 -5.76 -40.99 -10.93
CA LYS C 166 -5.64 -40.83 -9.48
C LYS C 166 -4.38 -40.01 -9.19
N ILE C 167 -3.36 -40.21 -10.02
CA ILE C 167 -2.10 -39.52 -9.89
C ILE C 167 -1.88 -38.61 -11.11
N PRO C 168 -1.34 -37.41 -10.87
CA PRO C 168 -1.08 -36.40 -11.90
C PRO C 168 -0.36 -36.91 -13.13
N THR C 169 -0.76 -36.41 -14.28
CA THR C 169 -0.13 -36.81 -15.52
C THR C 169 1.01 -35.85 -15.82
N ALA C 170 0.87 -34.61 -15.38
CA ALA C 170 1.87 -33.57 -15.62
C ALA C 170 1.81 -32.49 -14.53
N SER C 171 2.93 -31.84 -14.25
CA SER C 171 2.98 -30.80 -13.22
C SER C 171 3.72 -29.56 -13.67
N ILE C 172 3.60 -28.48 -12.90
CA ILE C 172 4.29 -27.23 -13.22
C ILE C 172 4.99 -26.74 -11.97
N GLN C 173 6.30 -26.60 -12.02
CA GLN C 173 7.04 -26.09 -10.87
C GLN C 173 7.63 -24.75 -11.25
N ILE C 174 7.84 -23.90 -10.27
CA ILE C 174 8.43 -22.60 -10.50
C ILE C 174 9.80 -22.55 -9.82
N SER C 175 10.82 -22.23 -10.59
CA SER C 175 12.18 -22.18 -10.06
C SER C 175 12.74 -20.78 -10.19
N GLY C 176 13.74 -20.46 -9.38
CA GLY C 176 14.35 -19.14 -9.45
C GLY C 176 15.21 -18.76 -8.26
N ARG C 177 15.54 -17.47 -8.15
CA ARG C 177 16.36 -17.00 -7.05
C ARG C 177 15.85 -15.62 -6.58
N ILE C 178 16.02 -15.30 -5.31
CA ILE C 178 15.57 -14.02 -4.80
C ILE C 178 16.71 -13.28 -4.12
N ARG C 179 16.75 -11.96 -4.22
CA ARG C 179 17.81 -11.23 -3.54
C ARG C 179 17.26 -10.63 -2.26
N LEU C 180 17.34 -11.37 -1.17
CA LEU C 180 16.83 -10.88 0.11
C LEU C 180 17.88 -10.03 0.77
N SER C 181 17.46 -8.87 1.29
CA SER C 181 18.39 -7.95 1.95
C SER C 181 17.67 -7.14 3.00
N LYS C 182 18.44 -6.38 3.77
CA LYS C 182 17.87 -5.57 4.80
C LYS C 182 17.09 -6.55 5.65
N PRO C 183 17.70 -7.04 6.73
CA PRO C 183 17.18 -8.00 7.70
C PRO C 183 16.23 -7.42 8.71
N MET C 184 15.16 -8.13 9.02
CA MET C 184 14.19 -7.62 9.98
C MET C 184 14.40 -8.11 11.39
N LEU C 185 14.19 -7.21 12.35
CA LEU C 185 14.37 -7.57 13.76
C LEU C 185 13.16 -8.34 14.20
N ILE C 186 13.39 -9.49 14.82
CA ILE C 186 12.31 -10.35 15.30
C ILE C 186 12.69 -10.93 16.65
N ALA C 187 11.80 -11.75 17.19
CA ALA C 187 12.07 -12.36 18.48
C ALA C 187 12.82 -13.67 18.31
N ASN C 188 14.00 -13.75 18.92
CA ASN C 188 14.80 -14.96 18.85
C ASN C 188 14.41 -15.92 19.96
#